data_6P7K
#
_entry.id   6P7K
#
_cell.length_a   141.485
_cell.length_b   141.485
_cell.length_c   122.967
_cell.angle_alpha   90.000
_cell.angle_beta   90.000
_cell.angle_gamma   120.000
#
_symmetry.space_group_name_H-M   'P 63 2 2'
#
loop_
_entity.id
_entity.type
_entity.pdbx_description
1 polymer '3-hydroxy-3-methylglutaryl coenzyme A reductase'
2 non-polymer "ADENOSINE-5'-DIPHOSPHATE"
3 non-polymer 'COENZYME A'
4 water water
#
_entity_poly.entity_id   1
_entity_poly.type   'polypeptide(L)'
_entity_poly.pdbx_seq_one_letter_code
;MGSSHHHHHHSSGLVPRGSHMPIDSALPNFRSLTPEQRLSHLARVVGLDDAEHALLARPGALPLDTANGMIENVIGTFEL
PMAVTGYFRINDRDVIVPMAVEEPSIVAAASYMAKLSRAAGGFRTSSSGPLMRAQVQVVGVDDPYGARLAILRHAAELIA
LANSRDKVLVGLGGGCRDIEVHVFPDTPRGAMIVAHLIVDVRDAMGANTVNTMAETVATRIEAITGGQVRLRILSNLADL
RLARAEVRYSAATLATDDYAGEAVIDRVIDAYVFAATDPYRAATHNKGIMNGIDPVVVATGNDWRAVEAGAHAYASRSGR
YTSLTTWEKAANGDLVGTIEMPMPVGLVGGATKTHPLARLALKIMNVTSAQELGEIAVAVGLAQNLGALRALATEGIQRG
HMALHARNIAVAAGATGADIDRIAQRMVAAKDVRTDFAVELLAGRSDG
;
_entity_poly.pdbx_strand_id   A
#
# COMPACT_ATOMS: atom_id res chain seq x y z
N MET A 21 15.19 -19.73 -2.15
CA MET A 21 14.27 -20.70 -2.73
C MET A 21 13.40 -20.08 -3.83
N PRO A 22 13.90 -20.06 -5.07
CA PRO A 22 13.16 -19.40 -6.16
C PRO A 22 11.98 -20.25 -6.60
N ILE A 23 10.81 -19.62 -6.71
CA ILE A 23 9.60 -20.30 -7.14
C ILE A 23 9.20 -19.78 -8.51
N ASP A 24 8.27 -20.48 -9.13
CA ASP A 24 7.60 -20.04 -10.35
C ASP A 24 6.23 -19.58 -9.89
N SER A 25 5.86 -18.33 -10.17
CA SER A 25 4.52 -17.88 -9.75
C SER A 25 3.50 -18.13 -10.84
N ALA A 26 3.88 -18.77 -11.94
CA ALA A 26 2.85 -19.11 -12.92
C ALA A 26 1.82 -20.05 -12.31
N LEU A 27 0.55 -19.92 -12.70
CA LEU A 27 -0.53 -20.73 -12.13
C LEU A 27 -1.19 -21.55 -13.23
N PRO A 28 -0.49 -22.54 -13.77
CA PRO A 28 -1.01 -23.28 -14.94
C PRO A 28 -2.33 -23.97 -14.66
N ASN A 29 -3.29 -23.67 -15.53
CA ASN A 29 -4.59 -24.32 -15.58
C ASN A 29 -5.39 -24.01 -14.33
N PHE A 30 -5.06 -22.94 -13.59
CA PHE A 30 -5.79 -22.68 -12.34
C PHE A 30 -7.27 -22.46 -12.60
N ARG A 31 -7.61 -21.93 -13.76
CA ARG A 31 -9.03 -21.70 -14.04
C ARG A 31 -9.85 -22.99 -14.09
N SER A 32 -9.24 -24.15 -14.37
CA SER A 32 -9.96 -25.41 -14.44
C SER A 32 -9.78 -26.29 -13.20
N LEU A 33 -8.97 -25.90 -12.25
CA LEU A 33 -8.74 -26.69 -11.06
C LEU A 33 -9.77 -26.40 -9.97
N THR A 34 -10.03 -27.41 -9.14
CA THR A 34 -10.87 -27.16 -7.95
C THR A 34 -10.09 -26.36 -6.93
N PRO A 35 -10.76 -25.72 -5.97
CA PRO A 35 -10.00 -25.12 -4.87
C PRO A 35 -9.05 -26.08 -4.16
N GLU A 36 -9.40 -27.37 -3.97
CA GLU A 36 -8.45 -28.28 -3.33
CA GLU A 36 -8.48 -28.32 -3.35
C GLU A 36 -7.25 -28.53 -4.21
N GLN A 37 -7.44 -28.69 -5.51
CA GLN A 37 -6.28 -28.82 -6.41
C GLN A 37 -5.42 -27.56 -6.41
N ARG A 38 -6.06 -26.39 -6.36
CA ARG A 38 -5.29 -25.15 -6.33
C ARG A 38 -4.47 -25.08 -5.04
N LEU A 39 -5.06 -25.50 -3.93
CA LEU A 39 -4.32 -25.47 -2.65
C LEU A 39 -3.20 -26.49 -2.63
N SER A 40 -3.42 -27.68 -3.21
CA SER A 40 -2.31 -28.64 -3.30
C SER A 40 -1.14 -28.06 -4.08
N HIS A 41 -1.43 -27.41 -5.22
CA HIS A 41 -0.38 -26.78 -6.01
C HIS A 41 0.36 -25.74 -5.18
N LEU A 42 -0.39 -24.82 -4.57
CA LEU A 42 0.19 -23.74 -3.77
C LEU A 42 1.03 -24.30 -2.63
N ALA A 43 0.53 -25.33 -1.95
CA ALA A 43 1.25 -25.89 -0.82
C ALA A 43 2.57 -26.47 -1.27
N ARG A 44 2.59 -27.18 -2.41
CA ARG A 44 3.84 -27.68 -2.94
C ARG A 44 4.80 -26.55 -3.29
N VAL A 45 4.32 -25.55 -4.02
CA VAL A 45 5.22 -24.56 -4.59
C VAL A 45 5.84 -23.66 -3.51
N VAL A 46 5.04 -23.22 -2.55
CA VAL A 46 5.56 -22.28 -1.55
C VAL A 46 5.94 -22.98 -0.26
N GLY A 47 5.79 -24.28 -0.20
CA GLY A 47 6.26 -25.04 0.92
C GLY A 47 5.43 -24.86 2.17
N LEU A 48 4.13 -25.06 2.05
CA LEU A 48 3.25 -25.08 3.22
C LEU A 48 3.22 -26.47 3.82
N ASP A 49 3.24 -26.54 5.15
CA ASP A 49 3.13 -27.85 5.78
C ASP A 49 1.65 -28.24 5.85
N ASP A 50 1.37 -29.42 6.41
CA ASP A 50 0.01 -29.94 6.29
C ASP A 50 -0.97 -29.19 7.15
N ALA A 51 -0.51 -28.63 8.26
CA ALA A 51 -1.40 -27.84 9.11
C ALA A 51 -1.76 -26.49 8.48
N GLU A 52 -0.80 -25.85 7.81
CA GLU A 52 -1.09 -24.64 7.05
C GLU A 52 -2.04 -24.93 5.90
N HIS A 53 -1.81 -26.02 5.20
CA HIS A 53 -2.75 -26.46 4.16
C HIS A 53 -4.14 -26.65 4.75
N ALA A 54 -4.22 -27.31 5.89
CA ALA A 54 -5.52 -27.59 6.49
C ALA A 54 -6.22 -26.31 6.92
N LEU A 55 -5.45 -25.32 7.34
CA LEU A 55 -6.03 -24.05 7.75
C LEU A 55 -6.75 -23.35 6.62
N LEU A 56 -6.22 -23.38 5.39
CA LEU A 56 -6.92 -22.76 4.27
C LEU A 56 -8.06 -23.64 3.78
N ALA A 57 -7.96 -24.94 3.96
CA ALA A 57 -8.87 -25.92 3.39
C ALA A 57 -10.20 -26.00 4.09
N ARG A 58 -10.33 -25.45 5.29
CA ARG A 58 -11.51 -25.63 6.10
C ARG A 58 -11.96 -24.26 6.62
N PRO A 59 -13.26 -23.97 6.63
CA PRO A 59 -13.73 -22.67 7.13
C PRO A 59 -13.41 -22.51 8.60
N GLY A 60 -13.39 -21.26 9.05
CA GLY A 60 -13.23 -21.06 10.47
C GLY A 60 -11.81 -20.89 10.92
N ALA A 61 -10.93 -20.48 10.03
CA ALA A 61 -9.54 -20.31 10.41
C ALA A 61 -9.32 -19.22 11.45
N LEU A 62 -10.22 -18.23 11.54
CA LEU A 62 -10.24 -17.21 12.58
C LEU A 62 -11.19 -17.67 13.65
N PRO A 63 -10.71 -18.21 14.75
CA PRO A 63 -11.61 -18.69 15.80
C PRO A 63 -12.49 -17.54 16.31
N LEU A 64 -13.73 -17.87 16.62
CA LEU A 64 -14.64 -16.87 17.16
C LEU A 64 -14.05 -16.14 18.37
N ASP A 65 -13.39 -16.87 19.25
CA ASP A 65 -12.86 -16.18 20.42
C ASP A 65 -11.77 -15.19 20.02
N THR A 66 -10.97 -15.51 18.99
CA THR A 66 -9.98 -14.53 18.52
C THR A 66 -10.66 -13.34 17.91
N ALA A 67 -11.68 -13.57 17.08
CA ALA A 67 -12.44 -12.46 16.52
C ALA A 67 -13.04 -11.57 17.61
N ASN A 68 -13.53 -12.20 18.66
CA ASN A 68 -14.16 -11.49 19.78
C ASN A 68 -13.19 -10.60 20.51
N GLY A 69 -11.88 -10.87 20.42
CA GLY A 69 -10.89 -9.98 20.99
C GLY A 69 -10.41 -8.92 20.05
N MET A 70 -10.80 -8.97 18.78
CA MET A 70 -10.31 -8.02 17.80
C MET A 70 -11.14 -6.76 17.72
N ILE A 71 -12.46 -6.88 17.67
CA ILE A 71 -13.38 -5.75 17.63
C ILE A 71 -14.47 -6.00 18.68
N GLU A 72 -15.32 -5.03 18.87
CA GLU A 72 -16.38 -5.11 19.87
C GLU A 72 -17.68 -5.64 19.25
N ASN A 73 -18.56 -6.14 20.13
CA ASN A 73 -19.91 -6.62 19.82
C ASN A 73 -19.89 -7.70 18.73
N VAL A 74 -18.91 -8.58 18.79
CA VAL A 74 -18.82 -9.64 17.78
C VAL A 74 -19.98 -10.61 17.94
N ILE A 75 -20.56 -11.00 16.80
CA ILE A 75 -21.59 -12.02 16.72
C ILE A 75 -21.18 -13.19 15.86
N GLY A 76 -20.07 -13.07 15.13
CA GLY A 76 -19.66 -14.10 14.20
C GLY A 76 -18.55 -13.56 13.35
N THR A 77 -18.40 -14.16 12.17
CA THR A 77 -17.44 -13.69 11.19
C THR A 77 -18.14 -13.59 9.84
N PHE A 78 -17.52 -12.85 8.94
CA PHE A 78 -18.03 -12.54 7.60
C PHE A 78 -16.93 -12.91 6.61
N GLU A 79 -17.22 -13.85 5.71
CA GLU A 79 -16.20 -14.38 4.80
C GLU A 79 -16.13 -13.59 3.49
N LEU A 80 -14.91 -13.22 3.08
CA LEU A 80 -14.63 -12.87 1.70
C LEU A 80 -14.06 -14.07 0.98
N PRO A 81 -14.41 -14.30 -0.27
CA PRO A 81 -13.64 -15.27 -1.06
C PRO A 81 -12.15 -14.95 -0.98
N MET A 82 -11.30 -15.98 -0.93
CA MET A 82 -9.87 -15.81 -0.91
C MET A 82 -9.23 -16.55 -2.10
N ALA A 83 -8.34 -15.86 -2.81
CA ALA A 83 -7.80 -16.36 -4.05
C ALA A 83 -6.33 -16.13 -4.06
N VAL A 84 -5.65 -16.64 -5.11
CA VAL A 84 -4.31 -16.17 -5.41
C VAL A 84 -4.26 -15.73 -6.87
N THR A 85 -3.46 -14.69 -7.12
CA THR A 85 -3.18 -14.19 -8.47
C THR A 85 -1.78 -14.62 -8.83
N GLY A 86 -1.62 -14.86 -10.14
CA GLY A 86 -0.47 -15.57 -10.67
C GLY A 86 0.45 -14.67 -11.46
N TYR A 87 1.67 -15.13 -11.68
CA TYR A 87 2.65 -14.62 -12.61
C TYR A 87 3.42 -13.39 -12.15
N PHE A 88 3.15 -12.82 -10.97
CA PHE A 88 3.87 -11.62 -10.58
C PHE A 88 5.33 -11.95 -10.34
N ARG A 89 6.15 -11.00 -10.77
CA ARG A 89 7.60 -11.07 -10.61
CA ARG A 89 7.60 -11.06 -10.62
C ARG A 89 8.06 -9.65 -10.29
N ILE A 90 8.70 -9.51 -9.15
CA ILE A 90 9.05 -8.22 -8.54
C ILE A 90 10.56 -8.19 -8.39
N ASN A 91 11.24 -7.29 -9.10
CA ASN A 91 12.69 -7.21 -9.11
C ASN A 91 13.29 -8.60 -9.28
N ASP A 92 12.84 -9.28 -10.29
CA ASP A 92 13.32 -10.59 -10.70
C ASP A 92 12.96 -11.71 -9.75
N ARG A 93 12.02 -11.54 -8.85
CA ARG A 93 11.65 -12.59 -7.90
C ARG A 93 10.18 -12.91 -8.04
N ASP A 94 9.86 -14.15 -8.45
CA ASP A 94 8.46 -14.52 -8.61
C ASP A 94 7.78 -14.55 -7.25
N VAL A 95 6.53 -14.13 -7.20
CA VAL A 95 5.74 -14.12 -5.96
C VAL A 95 4.30 -14.45 -6.30
N ILE A 96 3.70 -15.34 -5.53
CA ILE A 96 2.26 -15.64 -5.60
C ILE A 96 1.55 -14.76 -4.59
N VAL A 97 0.47 -14.13 -5.02
CA VAL A 97 -0.15 -13.06 -4.22
C VAL A 97 -1.59 -13.40 -3.81
N PRO A 98 -1.86 -13.54 -2.51
CA PRO A 98 -3.21 -13.74 -2.04
C PRO A 98 -4.04 -12.46 -2.13
N MET A 99 -5.33 -12.66 -2.36
CA MET A 99 -6.30 -11.59 -2.57
C MET A 99 -7.60 -11.98 -1.90
N ALA A 100 -8.17 -11.09 -1.09
CA ALA A 100 -9.49 -11.33 -0.51
C ALA A 100 -10.44 -10.25 -1.05
N VAL A 101 -11.44 -10.64 -1.82
CA VAL A 101 -12.32 -9.67 -2.47
C VAL A 101 -13.57 -10.36 -3.01
N GLU A 102 -14.60 -9.58 -3.32
CA GLU A 102 -15.87 -10.16 -3.72
C GLU A 102 -16.22 -10.01 -5.19
N GLU A 103 -15.47 -9.27 -5.94
CA GLU A 103 -15.83 -8.83 -7.29
C GLU A 103 -15.17 -9.72 -8.36
N PRO A 104 -15.94 -10.17 -9.35
CA PRO A 104 -15.35 -11.00 -10.41
C PRO A 104 -14.43 -10.23 -11.35
N SER A 105 -13.60 -11.01 -12.02
CA SER A 105 -12.64 -10.55 -13.03
C SER A 105 -11.37 -9.94 -12.49
N ILE A 106 -11.37 -9.43 -11.26
CA ILE A 106 -10.21 -8.78 -10.69
C ILE A 106 -9.01 -9.73 -10.68
N VAL A 107 -9.18 -10.91 -10.11
CA VAL A 107 -8.03 -11.81 -9.94
C VAL A 107 -7.52 -12.23 -11.31
N ALA A 108 -8.43 -12.58 -12.20
CA ALA A 108 -8.03 -13.01 -13.55
C ALA A 108 -7.29 -11.93 -14.29
N ALA A 109 -7.76 -10.68 -14.20
CA ALA A 109 -7.12 -9.63 -14.95
C ALA A 109 -5.72 -9.37 -14.42
N ALA A 110 -5.55 -9.34 -13.10
CA ALA A 110 -4.22 -9.17 -12.51
C ALA A 110 -3.28 -10.26 -13.02
N SER A 111 -3.71 -11.53 -12.95
CA SER A 111 -2.90 -12.64 -13.47
C SER A 111 -2.50 -12.41 -14.93
N TYR A 112 -3.48 -12.03 -15.75
CA TYR A 112 -3.24 -11.89 -17.20
C TYR A 112 -2.22 -10.81 -17.46
N MET A 113 -2.37 -9.68 -16.81
CA MET A 113 -1.40 -8.59 -17.03
C MET A 113 -0.04 -8.91 -16.44
N ALA A 114 0.04 -9.66 -15.35
CA ALA A 114 1.35 -10.07 -14.86
C ALA A 114 1.97 -11.12 -15.79
N LYS A 115 1.15 -12.01 -16.34
CA LYS A 115 1.65 -12.96 -17.34
C LYS A 115 2.30 -12.22 -18.51
N LEU A 116 1.60 -11.24 -19.07
CA LEU A 116 2.13 -10.49 -20.22
C LEU A 116 3.31 -9.61 -19.86
N SER A 117 3.46 -9.23 -18.59
CA SER A 117 4.62 -8.44 -18.19
C SER A 117 5.94 -9.19 -18.25
N ARG A 118 5.90 -10.52 -18.30
CA ARG A 118 7.12 -11.29 -18.10
CA ARG A 118 7.11 -11.32 -18.12
C ARG A 118 8.08 -11.19 -19.27
N ALA A 119 7.58 -10.95 -20.48
CA ALA A 119 8.49 -10.89 -21.63
C ALA A 119 9.52 -9.81 -21.48
N ALA A 120 9.14 -8.68 -20.86
CA ALA A 120 10.06 -7.57 -20.62
C ALA A 120 10.56 -7.53 -19.18
N GLY A 121 10.40 -8.61 -18.43
CA GLY A 121 11.08 -8.82 -17.18
C GLY A 121 10.24 -8.63 -15.92
N GLY A 122 8.94 -8.48 -16.05
CA GLY A 122 8.06 -8.34 -14.89
C GLY A 122 8.03 -6.89 -14.40
N PHE A 123 7.91 -6.72 -13.09
CA PHE A 123 7.76 -5.42 -12.46
C PHE A 123 9.07 -5.03 -11.80
N ARG A 124 9.41 -3.76 -11.95
CA ARG A 124 10.60 -3.19 -11.31
C ARG A 124 10.15 -2.16 -10.30
N THR A 125 10.57 -2.32 -9.04
CA THR A 125 9.96 -1.56 -7.96
C THR A 125 11.01 -0.89 -7.07
N SER A 126 10.56 0.14 -6.35
CA SER A 126 11.37 0.79 -5.34
C SER A 126 10.43 1.45 -4.34
N SER A 127 11.04 1.97 -3.26
CA SER A 127 10.28 2.68 -2.23
C SER A 127 11.08 3.85 -1.70
N SER A 128 10.40 4.86 -1.14
CA SER A 128 11.10 5.81 -0.27
C SER A 128 11.33 5.11 1.09
N GLY A 129 11.95 5.73 2.06
CA GLY A 129 11.91 5.05 3.36
C GLY A 129 10.51 4.75 3.98
N PRO A 130 10.45 3.89 5.06
CA PRO A 130 9.16 3.68 5.77
C PRO A 130 8.87 4.85 6.73
N LEU A 131 8.65 6.03 6.17
CA LEU A 131 8.53 7.26 6.98
C LEU A 131 7.08 7.67 7.19
N MET A 132 6.68 7.88 8.45
CA MET A 132 5.32 8.29 8.79
C MET A 132 5.39 9.65 9.50
N ARG A 133 4.32 10.43 9.35
CA ARG A 133 4.23 11.77 9.94
C ARG A 133 3.33 11.72 11.16
N ALA A 134 3.79 12.22 12.29
CA ALA A 134 2.92 12.43 13.44
C ALA A 134 2.67 13.93 13.59
N GLN A 135 1.41 14.34 13.65
CA GLN A 135 1.08 15.76 13.75
C GLN A 135 0.92 16.11 15.23
N VAL A 136 1.49 17.25 15.61
CA VAL A 136 1.33 17.80 16.96
C VAL A 136 0.79 19.19 16.75
N GLN A 137 -0.51 19.38 17.02
CA GLN A 137 -1.20 20.60 16.70
C GLN A 137 -1.21 21.50 17.93
N VAL A 138 -0.81 22.76 17.74
CA VAL A 138 -0.69 23.74 18.81
C VAL A 138 -1.65 24.90 18.54
N VAL A 139 -2.51 25.20 19.52
CA VAL A 139 -3.44 26.32 19.40
C VAL A 139 -3.11 27.34 20.49
N GLY A 140 -3.72 28.50 20.36
CA GLY A 140 -3.63 29.51 21.38
C GLY A 140 -2.33 30.30 21.42
N VAL A 141 -1.56 30.30 20.34
CA VAL A 141 -0.27 31.00 20.30
C VAL A 141 -0.48 32.34 19.64
N ASP A 142 -0.04 33.41 20.29
CA ASP A 142 -0.19 34.74 19.69
C ASP A 142 0.87 35.09 18.63
N ASP A 143 2.07 34.49 18.72
CA ASP A 143 3.21 34.71 17.81
C ASP A 143 3.59 33.37 17.15
N PRO A 144 2.72 32.84 16.30
CA PRO A 144 2.98 31.48 15.77
C PRO A 144 4.27 31.35 14.93
N TYR A 145 4.67 32.39 14.18
CA TYR A 145 5.91 32.23 13.42
C TYR A 145 7.13 32.21 14.36
N GLY A 146 7.05 33.02 15.42
CA GLY A 146 8.09 32.94 16.44
C GLY A 146 8.13 31.58 17.10
N ALA A 147 6.96 31.05 17.47
CA ALA A 147 6.87 29.71 18.04
C ALA A 147 7.42 28.66 17.10
N ARG A 148 7.13 28.77 15.80
CA ARG A 148 7.71 27.82 14.86
C ARG A 148 9.23 27.87 14.93
N LEU A 149 9.81 29.07 14.90
CA LEU A 149 11.26 29.13 14.93
C LEU A 149 11.81 28.57 16.24
N ALA A 150 11.07 28.72 17.33
CA ALA A 150 11.52 28.13 18.59
C ALA A 150 11.52 26.63 18.50
N ILE A 151 10.47 26.01 17.95
CA ILE A 151 10.46 24.56 17.82
C ILE A 151 11.65 24.10 16.98
N LEU A 152 11.90 24.79 15.87
CA LEU A 152 12.97 24.38 14.97
C LEU A 152 14.33 24.52 15.64
N ARG A 153 14.49 25.57 16.46
CA ARG A 153 15.75 25.77 17.18
C ARG A 153 15.97 24.64 18.18
N HIS A 154 14.92 24.03 18.69
CA HIS A 154 15.03 22.93 19.64
C HIS A 154 14.85 21.55 19.00
N ALA A 155 15.01 21.44 17.69
CA ALA A 155 14.67 20.21 16.97
C ALA A 155 15.45 19.01 17.48
N ALA A 156 16.76 19.16 17.69
CA ALA A 156 17.54 18.01 18.15
C ALA A 156 17.02 17.49 19.48
N GLU A 157 16.70 18.38 20.40
CA GLU A 157 16.19 17.97 21.69
C GLU A 157 14.86 17.24 21.52
N LEU A 158 14.00 17.77 20.67
CA LEU A 158 12.68 17.18 20.48
C LEU A 158 12.75 15.82 19.77
N ILE A 159 13.66 15.68 18.85
CA ILE A 159 13.83 14.39 18.18
C ILE A 159 14.34 13.36 19.18
N ALA A 160 15.29 13.75 20.01
CA ALA A 160 15.77 12.85 21.05
C ALA A 160 14.67 12.47 22.01
N LEU A 161 13.82 13.43 22.38
CA LEU A 161 12.71 13.13 23.28
C LEU A 161 11.72 12.16 22.62
N ALA A 162 11.42 12.39 21.35
CA ALA A 162 10.56 11.45 20.63
C ALA A 162 11.13 10.03 20.63
N ASN A 163 12.45 9.89 20.54
CA ASN A 163 13.06 8.57 20.50
C ASN A 163 13.25 7.97 21.88
N SER A 164 12.94 8.71 22.93
CA SER A 164 13.31 8.30 24.28
C SER A 164 12.56 7.08 24.79
N ARG A 165 11.38 6.76 24.24
CA ARG A 165 10.61 5.63 24.71
C ARG A 165 10.55 4.48 23.69
N ASP A 166 11.42 4.49 22.68
CA ASP A 166 11.34 3.51 21.58
C ASP A 166 12.71 2.95 21.29
N LYS A 167 13.32 2.37 22.32
CA LYS A 167 14.67 1.86 22.16
C LYS A 167 14.69 0.66 21.22
N VAL A 168 13.62 -0.15 21.20
CA VAL A 168 13.54 -1.28 20.28
C VAL A 168 13.55 -0.78 18.85
N LEU A 169 12.64 0.14 18.51
CA LEU A 169 12.62 0.66 17.15
C LEU A 169 13.94 1.30 16.78
N VAL A 170 14.56 2.07 17.69
CA VAL A 170 15.83 2.70 17.33
C VAL A 170 16.89 1.64 17.10
N GLY A 171 16.86 0.57 17.90
CA GLY A 171 17.81 -0.51 17.72
C GLY A 171 17.62 -1.24 16.42
N LEU A 172 16.40 -1.25 15.90
CA LEU A 172 16.15 -1.86 14.61
C LEU A 172 16.49 -0.95 13.46
N GLY A 173 16.98 0.25 13.73
CA GLY A 173 17.30 1.21 12.70
C GLY A 173 16.22 2.23 12.39
N GLY A 174 15.18 2.32 13.19
CA GLY A 174 14.10 3.25 12.97
C GLY A 174 14.19 4.44 13.91
N GLY A 175 13.09 5.17 14.00
CA GLY A 175 12.98 6.23 14.98
C GLY A 175 12.70 7.56 14.30
N CYS A 176 12.44 8.56 15.16
CA CYS A 176 12.21 9.91 14.68
C CYS A 176 13.48 10.47 14.03
N ARG A 177 13.34 10.98 12.80
CA ARG A 177 14.46 11.47 12.01
C ARG A 177 14.50 13.00 11.92
N ASP A 178 13.36 13.65 11.94
CA ASP A 178 13.31 15.07 11.65
C ASP A 178 11.99 15.61 12.18
N ILE A 179 11.92 16.92 12.23
CA ILE A 179 10.72 17.64 12.63
C ILE A 179 10.55 18.78 11.65
N GLU A 180 9.36 18.92 11.09
CA GLU A 180 9.02 20.13 10.37
C GLU A 180 7.85 20.81 11.04
N VAL A 181 7.64 22.07 10.70
CA VAL A 181 6.59 22.83 11.36
C VAL A 181 5.85 23.70 10.35
N HIS A 182 4.54 23.57 10.31
CA HIS A 182 3.69 24.35 9.43
C HIS A 182 2.87 25.32 10.25
N VAL A 183 2.66 26.50 9.69
CA VAL A 183 1.85 27.51 10.35
C VAL A 183 0.64 27.81 9.49
N PHE A 184 -0.53 27.80 10.10
CA PHE A 184 -1.79 28.18 9.44
C PHE A 184 -2.31 29.40 10.14
N PRO A 185 -2.02 30.59 9.61
CA PRO A 185 -2.30 31.80 10.39
C PRO A 185 -3.76 32.23 10.37
N ASP A 186 -4.55 31.80 9.44
CA ASP A 186 -5.84 32.45 9.21
C ASP A 186 -6.87 31.35 9.22
N THR A 187 -7.19 30.84 10.39
CA THR A 187 -8.30 29.94 10.41
C THR A 187 -9.42 30.57 11.20
N PRO A 188 -10.64 30.10 10.99
CA PRO A 188 -11.75 30.59 11.82
C PRO A 188 -11.55 30.36 13.32
N ARG A 189 -10.62 29.50 13.74
CA ARG A 189 -10.40 29.23 15.16
C ARG A 189 -9.06 29.76 15.66
N GLY A 190 -8.48 30.72 14.93
CA GLY A 190 -7.22 31.33 15.30
C GLY A 190 -6.06 30.67 14.58
N ALA A 191 -4.87 31.20 14.82
CA ALA A 191 -3.68 30.59 14.23
C ALA A 191 -3.40 29.23 14.84
N MET A 192 -2.98 28.31 14.00
CA MET A 192 -2.55 26.99 14.38
C MET A 192 -1.14 26.75 13.91
N ILE A 193 -0.35 26.09 14.74
CA ILE A 193 0.97 25.57 14.39
C ILE A 193 0.86 24.07 14.41
N VAL A 194 1.45 23.42 13.42
CA VAL A 194 1.40 21.97 13.37
C VAL A 194 2.83 21.47 13.18
N ALA A 195 3.37 20.84 14.20
CA ALA A 195 4.67 20.19 14.03
C ALA A 195 4.45 18.80 13.48
N HIS A 196 5.30 18.37 12.56
CA HIS A 196 5.31 16.98 12.12
C HIS A 196 6.58 16.29 12.59
N LEU A 197 6.42 15.20 13.34
CA LEU A 197 7.54 14.31 13.62
C LEU A 197 7.63 13.39 12.42
N ILE A 198 8.80 13.26 11.84
CA ILE A 198 9.01 12.37 10.69
C ILE A 198 9.70 11.14 11.22
N VAL A 199 9.05 9.99 11.17
CA VAL A 199 9.48 8.81 11.92
C VAL A 199 9.67 7.62 11.00
N ASP A 200 10.82 6.97 11.11
CA ASP A 200 11.07 5.71 10.39
C ASP A 200 10.53 4.57 11.26
N VAL A 201 9.48 3.90 10.75
CA VAL A 201 8.80 2.88 11.55
C VAL A 201 9.14 1.45 11.10
N ARG A 202 10.19 1.28 10.28
CA ARG A 202 10.69 -0.04 9.91
C ARG A 202 9.54 -0.89 9.35
N ASP A 203 9.25 -2.07 9.92
CA ASP A 203 8.22 -2.97 9.36
C ASP A 203 6.83 -2.81 9.97
N ALA A 204 6.62 -1.83 10.80
CA ALA A 204 5.30 -1.60 11.36
C ALA A 204 4.48 -0.65 10.48
N MET A 205 3.16 -0.74 10.60
CA MET A 205 2.34 0.32 10.02
C MET A 205 2.67 1.64 10.70
N GLY A 206 2.72 1.63 12.02
CA GLY A 206 3.38 2.71 12.76
C GLY A 206 2.47 3.62 13.55
N ALA A 207 1.16 3.43 13.50
CA ALA A 207 0.26 4.42 14.12
C ALA A 207 0.52 4.56 15.61
N ASN A 208 0.50 3.45 16.35
CA ASN A 208 0.66 3.58 17.79
C ASN A 208 2.01 4.18 18.14
N THR A 209 3.05 3.73 17.46
CA THR A 209 4.39 4.25 17.68
C THR A 209 4.45 5.77 17.52
N VAL A 210 3.96 6.30 16.39
CA VAL A 210 4.12 7.73 16.17
C VAL A 210 3.14 8.52 17.02
N ASN A 211 1.93 7.99 17.21
CA ASN A 211 1.00 8.66 18.14
C ASN A 211 1.62 8.80 19.53
N THR A 212 2.26 7.74 20.00
CA THR A 212 2.91 7.81 21.30
C THR A 212 4.05 8.82 21.31
N MET A 213 4.86 8.87 20.24
CA MET A 213 5.90 9.89 20.20
C MET A 213 5.29 11.29 20.26
N ALA A 214 4.19 11.50 19.54
CA ALA A 214 3.55 12.81 19.56
C ALA A 214 3.09 13.15 20.96
N GLU A 215 2.58 12.16 21.68
CA GLU A 215 2.22 12.38 23.09
C GLU A 215 3.45 12.74 23.91
N THR A 216 4.56 12.07 23.67
CA THR A 216 5.75 12.20 24.49
C THR A 216 6.32 13.59 24.39
N VAL A 217 6.25 14.22 23.21
CA VAL A 217 6.88 15.53 23.04
C VAL A 217 5.93 16.68 23.38
N ALA A 218 4.67 16.40 23.67
CA ALA A 218 3.66 17.47 23.76
C ALA A 218 3.96 18.49 24.87
N THR A 219 4.27 18.04 26.09
CA THR A 219 4.43 19.06 27.12
C THR A 219 5.67 19.90 26.88
N ARG A 220 6.74 19.34 26.31
CA ARG A 220 7.87 20.19 25.98
C ARG A 220 7.53 21.21 24.89
N ILE A 221 6.78 20.80 23.85
CA ILE A 221 6.35 21.76 22.84
C ILE A 221 5.48 22.86 23.45
N GLU A 222 4.63 22.52 24.43
CA GLU A 222 3.85 23.56 25.12
C GLU A 222 4.76 24.54 25.84
N ALA A 223 5.81 24.05 26.49
CA ALA A 223 6.70 24.93 27.21
C ALA A 223 7.44 25.84 26.26
N ILE A 224 7.85 25.32 25.10
CA ILE A 224 8.60 26.09 24.13
C ILE A 224 7.73 27.16 23.51
N THR A 225 6.47 26.83 23.20
CA THR A 225 5.62 27.72 22.44
C THR A 225 4.70 28.59 23.27
N GLY A 226 4.38 28.18 24.50
CA GLY A 226 3.37 28.90 25.25
C GLY A 226 1.97 28.60 24.80
N GLY A 227 1.78 27.63 23.90
CA GLY A 227 0.47 27.24 23.44
C GLY A 227 -0.05 25.99 24.13
N GLN A 228 -1.21 25.52 23.65
CA GLN A 228 -1.85 24.30 24.14
C GLN A 228 -1.80 23.27 23.03
N VAL A 229 -1.26 22.09 23.32
CA VAL A 229 -1.28 21.04 22.32
C VAL A 229 -2.65 20.37 22.35
N ARG A 230 -3.24 20.24 21.18
CA ARG A 230 -4.54 19.58 21.05
C ARG A 230 -4.26 18.23 20.40
N LEU A 231 -4.36 18.11 19.11
CA LEU A 231 -4.25 16.79 18.52
C LEU A 231 -2.81 16.33 18.45
N ARG A 232 -2.63 15.05 18.71
CA ARG A 232 -1.33 14.36 18.72
C ARG A 232 -1.58 13.06 17.98
N ILE A 233 -1.33 13.03 16.67
CA ILE A 233 -1.92 11.95 15.87
C ILE A 233 -1.24 11.82 14.52
N LEU A 234 -1.07 10.58 14.09
CA LEU A 234 -0.54 10.33 12.76
C LEU A 234 -1.36 11.01 11.67
N SER A 235 -0.69 11.36 10.59
CA SER A 235 -1.35 11.68 9.33
C SER A 235 -1.42 10.46 8.40
N ASN A 236 -2.63 10.15 7.92
CA ASN A 236 -2.79 9.11 6.89
C ASN A 236 -2.44 9.60 5.49
N LEU A 237 -2.06 10.85 5.28
CA LEU A 237 -1.51 11.21 3.96
C LEU A 237 -0.01 10.93 4.02
N ALA A 238 0.32 9.65 3.78
CA ALA A 238 1.66 9.15 4.06
C ALA A 238 2.57 9.32 2.83
N ASP A 239 2.75 10.58 2.45
CA ASP A 239 3.46 10.94 1.23
C ASP A 239 4.96 10.88 1.39
N LEU A 240 5.48 10.48 2.54
CA LEU A 240 6.89 10.15 2.67
C LEU A 240 7.15 8.66 2.67
N ARG A 241 6.11 7.86 2.52
CA ARG A 241 6.19 6.41 2.51
C ARG A 241 5.62 5.88 1.20
N LEU A 242 6.32 6.15 0.12
CA LEU A 242 5.83 5.88 -1.21
C LEU A 242 6.37 4.54 -1.71
N ALA A 243 5.51 3.78 -2.38
CA ALA A 243 5.91 2.58 -3.12
C ALA A 243 5.76 2.85 -4.61
N ARG A 244 6.71 2.37 -5.42
CA ARG A 244 6.71 2.64 -6.85
C ARG A 244 6.88 1.35 -7.64
N ALA A 245 6.24 1.30 -8.82
CA ALA A 245 6.45 0.16 -9.71
C ALA A 245 6.37 0.61 -11.15
N GLU A 246 7.14 -0.05 -12.00
CA GLU A 246 7.20 0.19 -13.42
C GLU A 246 7.11 -1.15 -14.14
N VAL A 247 6.50 -1.14 -15.32
CA VAL A 247 6.29 -2.36 -16.12
C VAL A 247 6.36 -1.95 -17.59
N ARG A 248 6.68 -2.94 -18.44
CA ARG A 248 6.77 -2.69 -19.87
C ARG A 248 6.15 -3.82 -20.67
N TYR A 249 5.55 -3.43 -21.80
CA TYR A 249 4.99 -4.38 -22.76
C TYR A 249 5.27 -3.97 -24.21
N SER A 250 5.63 -4.94 -25.02
CA SER A 250 5.84 -4.68 -26.44
C SER A 250 4.53 -4.79 -27.20
N ALA A 251 4.58 -4.27 -28.42
CA ALA A 251 3.45 -4.42 -29.33
C ALA A 251 3.17 -5.87 -29.60
N ALA A 252 4.22 -6.67 -29.87
CA ALA A 252 3.99 -8.07 -30.14
C ALA A 252 3.27 -8.72 -28.97
N THR A 253 3.65 -8.37 -27.76
CA THR A 253 3.01 -8.94 -26.57
C THR A 253 1.54 -8.58 -26.47
N LEU A 254 1.17 -7.38 -26.86
CA LEU A 254 -0.18 -6.88 -26.68
C LEU A 254 -1.07 -7.08 -27.89
N ALA A 255 -0.54 -7.59 -29.00
CA ALA A 255 -1.40 -7.84 -30.15
C ALA A 255 -2.54 -8.79 -29.82
N THR A 256 -3.68 -8.56 -30.45
CA THR A 256 -4.80 -9.50 -30.39
C THR A 256 -5.28 -9.83 -31.79
N ASP A 257 -6.26 -10.71 -31.86
CA ASP A 257 -6.81 -11.06 -33.16
C ASP A 257 -7.47 -9.88 -33.84
N ASP A 258 -7.99 -8.92 -33.10
CA ASP A 258 -8.70 -7.78 -33.68
C ASP A 258 -7.90 -6.50 -33.73
N TYR A 259 -6.84 -6.40 -32.95
CA TYR A 259 -6.09 -5.17 -32.89
C TYR A 259 -4.61 -5.45 -32.94
N ALA A 260 -3.89 -4.68 -33.77
CA ALA A 260 -2.44 -4.70 -33.77
C ALA A 260 -1.94 -4.20 -32.42
N GLY A 261 -0.80 -4.71 -31.95
CA GLY A 261 -0.33 -4.28 -30.64
C GLY A 261 -0.08 -2.80 -30.55
N GLU A 262 0.35 -2.17 -31.67
CA GLU A 262 0.58 -0.73 -31.68
C GLU A 262 -0.72 0.03 -31.41
N ALA A 263 -1.82 -0.50 -31.92
CA ALA A 263 -3.13 0.10 -31.68
C ALA A 263 -3.56 -0.08 -30.21
N VAL A 264 -3.40 -1.29 -29.66
CA VAL A 264 -3.67 -1.48 -28.23
C VAL A 264 -2.90 -0.47 -27.39
N ILE A 265 -1.61 -0.32 -27.67
CA ILE A 265 -0.76 0.60 -26.91
C ILE A 265 -1.28 2.03 -27.00
N ASP A 266 -1.62 2.49 -28.20
CA ASP A 266 -2.15 3.85 -28.35
C ASP A 266 -3.49 4.03 -27.65
N ARG A 267 -4.35 3.00 -27.68
CA ARG A 267 -5.66 3.12 -27.06
C ARG A 267 -5.56 3.10 -25.54
N VAL A 268 -4.63 2.33 -24.98
CA VAL A 268 -4.37 2.38 -23.54
C VAL A 268 -3.87 3.77 -23.13
N ILE A 269 -2.89 4.33 -23.88
CA ILE A 269 -2.40 5.67 -23.55
C ILE A 269 -3.53 6.70 -23.65
N ASP A 270 -4.35 6.59 -24.69
CA ASP A 270 -5.51 7.48 -24.83
C ASP A 270 -6.38 7.43 -23.57
N ALA A 271 -6.67 6.24 -23.08
CA ALA A 271 -7.51 6.10 -21.89
C ALA A 271 -6.86 6.69 -20.66
N TYR A 272 -5.55 6.53 -20.52
CA TYR A 272 -4.82 7.12 -19.42
C TYR A 272 -4.89 8.65 -19.48
N VAL A 273 -4.70 9.24 -20.66
CA VAL A 273 -4.77 10.70 -20.78
C VAL A 273 -6.15 11.21 -20.41
N PHE A 274 -7.21 10.48 -20.74
CA PHE A 274 -8.55 10.83 -20.31
C PHE A 274 -8.61 10.91 -18.77
N ALA A 275 -8.08 9.90 -18.08
CA ALA A 275 -8.04 9.98 -16.61
C ALA A 275 -7.19 11.14 -16.10
N ALA A 276 -6.09 11.44 -16.73
CA ALA A 276 -5.23 12.54 -16.30
C ALA A 276 -5.88 13.91 -16.57
N THR A 277 -6.93 13.92 -17.38
CA THR A 277 -7.59 15.14 -17.78
C THR A 277 -8.87 15.42 -16.98
N ASP A 278 -9.61 14.38 -16.63
CA ASP A 278 -10.97 14.46 -16.11
C ASP A 278 -11.12 13.74 -14.82
N PRO A 279 -11.33 14.43 -13.73
CA PRO A 279 -11.58 13.75 -12.45
C PRO A 279 -12.71 12.74 -12.44
N TYR A 280 -13.79 12.89 -13.22
CA TYR A 280 -14.82 11.88 -13.28
C TYR A 280 -14.27 10.57 -13.83
N ARG A 281 -13.30 10.62 -14.75
CA ARG A 281 -12.65 9.37 -15.16
C ARG A 281 -11.58 8.94 -14.17
N ALA A 282 -10.80 9.90 -13.65
CA ALA A 282 -9.72 9.50 -12.76
C ALA A 282 -10.25 8.73 -11.57
N ALA A 283 -11.42 9.10 -11.03
CA ALA A 283 -11.95 8.36 -9.88
C ALA A 283 -12.14 6.89 -10.21
N THR A 284 -12.67 6.58 -11.41
CA THR A 284 -12.91 5.19 -11.82
C THR A 284 -11.57 4.50 -12.09
N HIS A 285 -10.66 5.21 -12.75
CA HIS A 285 -9.31 4.70 -13.05
C HIS A 285 -8.59 4.34 -11.76
N ASN A 286 -8.64 5.21 -10.76
CA ASN A 286 -7.98 4.86 -9.51
C ASN A 286 -8.72 3.79 -8.70
N LYS A 287 -10.04 3.77 -8.77
CA LYS A 287 -10.79 2.67 -8.14
C LYS A 287 -10.31 1.32 -8.68
N GLY A 288 -10.08 1.26 -9.99
CA GLY A 288 -9.55 0.07 -10.60
C GLY A 288 -8.20 -0.35 -10.05
N ILE A 289 -7.33 0.62 -9.75
CA ILE A 289 -6.06 0.35 -9.07
C ILE A 289 -6.32 -0.28 -7.71
N MET A 290 -7.24 0.30 -6.95
CA MET A 290 -7.48 -0.21 -5.59
C MET A 290 -8.18 -1.55 -5.60
N ASN A 291 -8.85 -1.91 -6.70
CA ASN A 291 -9.35 -3.26 -6.83
C ASN A 291 -8.23 -4.30 -6.73
N GLY A 292 -7.02 -3.93 -7.17
CA GLY A 292 -5.86 -4.81 -7.08
C GLY A 292 -5.20 -4.70 -5.72
N ILE A 293 -5.04 -3.45 -5.20
CA ILE A 293 -4.28 -3.22 -3.96
C ILE A 293 -5.07 -3.68 -2.73
N ASP A 294 -6.30 -3.23 -2.58
CA ASP A 294 -6.99 -3.48 -1.31
C ASP A 294 -7.12 -4.98 -0.98
N PRO A 295 -7.35 -5.89 -1.95
CA PRO A 295 -7.44 -7.30 -1.57
C PRO A 295 -6.19 -7.86 -1.00
N VAL A 296 -5.02 -7.34 -1.41
CA VAL A 296 -3.77 -7.80 -0.81
C VAL A 296 -3.65 -7.23 0.61
N VAL A 297 -4.04 -5.99 0.77
CA VAL A 297 -4.08 -5.35 2.08
C VAL A 297 -5.00 -6.13 3.04
N VAL A 298 -6.22 -6.47 2.61
CA VAL A 298 -7.12 -7.22 3.49
C VAL A 298 -6.54 -8.58 3.85
N ALA A 299 -6.00 -9.30 2.85
CA ALA A 299 -5.55 -10.67 3.08
C ALA A 299 -4.32 -10.72 4.00
N THR A 300 -3.59 -9.63 4.14
CA THR A 300 -2.48 -9.58 5.08
C THR A 300 -2.86 -8.93 6.42
N GLY A 301 -4.14 -8.72 6.64
CA GLY A 301 -4.55 -8.19 7.94
C GLY A 301 -4.32 -6.69 8.08
N ASN A 302 -4.03 -5.98 7.00
CA ASN A 302 -3.74 -4.57 7.06
C ASN A 302 -5.02 -3.74 6.90
N ASP A 303 -4.91 -2.45 7.26
CA ASP A 303 -6.03 -1.52 7.37
C ASP A 303 -6.27 -0.94 5.99
N TRP A 304 -7.33 -1.44 5.32
CA TRP A 304 -7.56 -0.97 3.95
C TRP A 304 -8.07 0.46 3.94
N ARG A 305 -8.64 0.96 5.05
CA ARG A 305 -9.11 2.33 5.00
C ARG A 305 -7.94 3.30 4.95
N ALA A 306 -6.88 2.98 5.68
CA ALA A 306 -5.69 3.81 5.67
C ALA A 306 -5.04 3.84 4.31
N VAL A 307 -4.90 2.68 3.68
CA VAL A 307 -4.32 2.65 2.31
C VAL A 307 -5.18 3.46 1.33
N GLU A 308 -6.50 3.33 1.42
CA GLU A 308 -7.41 4.08 0.54
C GLU A 308 -7.28 5.57 0.75
N ALA A 309 -7.30 6.01 2.01
CA ALA A 309 -7.25 7.43 2.26
C ALA A 309 -5.95 8.04 1.75
N GLY A 310 -4.83 7.37 2.02
CA GLY A 310 -3.54 7.88 1.55
C GLY A 310 -3.46 7.93 0.03
N ALA A 311 -4.00 6.91 -0.63
CA ALA A 311 -3.96 6.84 -2.09
C ALA A 311 -4.76 7.98 -2.72
N HIS A 312 -6.03 8.12 -2.33
CA HIS A 312 -6.86 9.12 -2.97
C HIS A 312 -6.53 10.54 -2.55
N ALA A 313 -6.06 10.76 -1.30
CA ALA A 313 -5.64 12.09 -0.95
C ALA A 313 -4.38 12.46 -1.72
N TYR A 314 -3.48 11.51 -1.89
CA TYR A 314 -2.28 11.80 -2.68
C TYR A 314 -2.64 12.14 -4.14
N ALA A 315 -3.66 11.48 -4.69
CA ALA A 315 -4.10 11.71 -6.06
C ALA A 315 -4.58 13.13 -6.27
N SER A 316 -4.87 13.89 -5.20
CA SER A 316 -5.29 15.29 -5.43
C SER A 316 -4.26 16.31 -4.96
N ARG A 317 -3.05 15.88 -4.66
CA ARG A 317 -2.08 16.78 -4.11
C ARG A 317 -1.75 17.94 -5.01
N SER A 318 -1.93 17.78 -6.33
CA SER A 318 -1.56 18.82 -7.29
C SER A 318 -2.57 19.97 -7.34
N GLY A 319 -3.65 19.88 -6.58
CA GLY A 319 -4.73 20.80 -6.79
C GLY A 319 -5.83 20.31 -7.72
N ARG A 320 -5.71 19.09 -8.28
CA ARG A 320 -6.78 18.54 -9.11
C ARG A 320 -6.68 17.01 -8.94
N TYR A 321 -7.82 16.35 -8.81
CA TYR A 321 -7.84 14.92 -8.56
C TYR A 321 -7.42 14.20 -9.86
N THR A 322 -6.37 13.40 -9.83
CA THR A 322 -5.84 12.81 -11.05
C THR A 322 -5.40 11.36 -10.86
N SER A 323 -4.80 10.77 -11.92
CA SER A 323 -4.40 9.39 -11.97
C SER A 323 -3.21 9.11 -11.08
N LEU A 324 -3.22 7.96 -10.38
CA LEU A 324 -2.06 7.51 -9.61
C LEU A 324 -1.03 6.78 -10.48
N THR A 325 -1.37 6.50 -11.74
CA THR A 325 -0.48 5.81 -12.65
C THR A 325 -0.18 6.73 -13.84
N THR A 326 0.83 6.32 -14.62
CA THR A 326 1.06 6.88 -15.94
C THR A 326 1.30 5.77 -16.93
N TRP A 327 0.90 6.03 -18.16
CA TRP A 327 1.15 5.11 -19.27
C TRP A 327 1.75 5.91 -20.41
N GLU A 328 2.87 5.44 -20.96
CA GLU A 328 3.64 6.18 -21.96
C GLU A 328 4.16 5.22 -23.03
N LYS A 329 4.58 5.78 -24.15
CA LYS A 329 5.21 4.99 -25.21
C LYS A 329 6.70 5.28 -25.20
N ALA A 330 7.48 4.23 -25.01
CA ALA A 330 8.91 4.39 -25.01
C ALA A 330 9.46 4.60 -26.44
N ALA A 331 10.74 4.95 -26.49
CA ALA A 331 11.40 5.22 -27.78
C ALA A 331 11.31 4.03 -28.71
N ASN A 332 11.42 2.82 -28.18
CA ASN A 332 11.33 1.65 -29.05
C ASN A 332 9.87 1.24 -29.33
N GLY A 333 8.88 2.02 -28.88
CA GLY A 333 7.50 1.73 -29.12
C GLY A 333 6.80 0.95 -28.02
N ASP A 334 7.52 0.43 -27.05
CA ASP A 334 6.87 -0.32 -25.99
C ASP A 334 5.96 0.56 -25.12
N LEU A 335 4.93 -0.05 -24.55
CA LEU A 335 4.11 0.60 -23.53
C LEU A 335 4.85 0.53 -22.20
N VAL A 336 4.92 1.64 -21.49
CA VAL A 336 5.51 1.68 -20.16
C VAL A 336 4.51 2.26 -19.17
N GLY A 337 4.27 1.52 -18.08
CA GLY A 337 3.39 1.99 -17.02
C GLY A 337 4.17 2.25 -15.76
N THR A 338 3.72 3.24 -14.97
CA THR A 338 4.33 3.50 -13.67
C THR A 338 3.21 3.75 -12.67
N ILE A 339 3.50 3.49 -11.42
CA ILE A 339 2.62 3.85 -10.31
C ILE A 339 3.48 4.35 -9.18
N GLU A 340 2.93 5.24 -8.38
CA GLU A 340 3.61 5.76 -7.20
C GLU A 340 2.52 6.26 -6.25
N MET A 341 2.61 5.84 -5.01
CA MET A 341 1.58 6.22 -4.06
C MET A 341 2.02 5.82 -2.65
N PRO A 342 1.36 6.42 -1.66
CA PRO A 342 1.61 6.06 -0.27
C PRO A 342 1.23 4.63 -0.04
N MET A 343 2.01 3.91 0.78
CA MET A 343 1.74 2.51 1.03
C MET A 343 2.12 2.16 2.45
N PRO A 344 1.33 2.56 3.39
CA PRO A 344 1.57 2.36 4.84
C PRO A 344 1.02 1.00 5.29
N VAL A 345 1.72 -0.06 4.96
CA VAL A 345 1.34 -1.40 5.39
C VAL A 345 2.44 -1.89 6.31
N GLY A 346 2.09 -2.84 7.19
CA GLY A 346 3.06 -3.42 8.08
C GLY A 346 2.99 -4.94 8.12
N LEU A 347 3.95 -5.51 8.87
CA LEU A 347 4.04 -6.93 9.09
C LEU A 347 3.92 -7.37 10.54
N VAL A 348 3.83 -6.46 11.50
CA VAL A 348 4.16 -6.83 12.87
C VAL A 348 3.03 -6.73 13.87
N GLY A 349 1.97 -5.98 13.58
CA GLY A 349 0.97 -5.68 14.59
C GLY A 349 -0.44 -5.89 14.08
N GLY A 350 -1.39 -5.68 14.98
CA GLY A 350 -2.76 -5.64 14.48
C GLY A 350 -3.23 -7.01 14.03
N ALA A 351 -4.14 -7.00 13.06
CA ALA A 351 -4.67 -8.27 12.56
C ALA A 351 -3.61 -9.03 11.78
N THR A 352 -2.56 -8.36 11.33
CA THR A 352 -1.49 -9.07 10.62
C THR A 352 -0.85 -10.09 11.52
N LYS A 353 -0.79 -9.82 12.83
CA LYS A 353 -0.28 -10.77 13.83
C LYS A 353 -1.40 -11.67 14.33
N THR A 354 -2.60 -11.14 14.50
CA THR A 354 -3.65 -11.90 15.17
C THR A 354 -4.39 -12.88 14.27
N HIS A 355 -4.62 -12.53 13.03
CA HIS A 355 -5.36 -13.39 12.12
C HIS A 355 -4.49 -14.52 11.56
N PRO A 356 -4.81 -15.79 11.84
CA PRO A 356 -3.97 -16.88 11.32
C PRO A 356 -3.80 -16.86 9.81
N LEU A 357 -4.80 -16.41 9.05
CA LEU A 357 -4.58 -16.39 7.59
C LEU A 357 -3.74 -15.21 7.12
N ALA A 358 -3.70 -14.09 7.87
CA ALA A 358 -2.80 -13.02 7.50
C ALA A 358 -1.37 -13.47 7.62
N ARG A 359 -1.06 -14.21 8.68
CA ARG A 359 0.29 -14.72 8.80
C ARG A 359 0.61 -15.66 7.64
N LEU A 360 -0.33 -16.50 7.28
CA LEU A 360 -0.10 -17.41 6.17
C LEU A 360 0.01 -16.69 4.83
N ALA A 361 -0.80 -15.63 4.61
CA ALA A 361 -0.63 -14.83 3.41
C ALA A 361 0.79 -14.30 3.29
N LEU A 362 1.37 -13.83 4.39
CA LEU A 362 2.73 -13.33 4.29
C LEU A 362 3.69 -14.44 3.96
N LYS A 363 3.47 -15.63 4.54
CA LYS A 363 4.33 -16.75 4.20
C LYS A 363 4.18 -17.16 2.74
N ILE A 364 2.96 -17.20 2.22
CA ILE A 364 2.81 -17.53 0.80
C ILE A 364 3.66 -16.60 -0.06
N MET A 365 3.64 -15.30 0.24
CA MET A 365 4.39 -14.29 -0.53
C MET A 365 5.88 -14.28 -0.20
N ASN A 366 6.26 -14.95 0.87
CA ASN A 366 7.62 -14.94 1.36
C ASN A 366 8.18 -13.54 1.59
N VAL A 367 7.38 -12.65 2.19
CA VAL A 367 7.88 -11.29 2.37
C VAL A 367 8.56 -11.18 3.73
N THR A 368 9.62 -10.39 3.77
CA THR A 368 10.35 -10.19 5.02
C THR A 368 10.46 -8.72 5.43
N SER A 369 9.98 -7.79 4.61
CA SER A 369 9.91 -6.41 5.07
C SER A 369 8.59 -5.79 4.63
N ALA A 370 8.15 -4.81 5.39
CA ALA A 370 6.94 -4.10 5.01
C ALA A 370 7.15 -3.38 3.68
N GLN A 371 8.37 -2.91 3.44
CA GLN A 371 8.70 -2.30 2.16
C GLN A 371 8.42 -3.25 0.97
N GLU A 372 8.83 -4.50 1.09
CA GLU A 372 8.60 -5.48 0.01
C GLU A 372 7.13 -5.73 -0.19
N LEU A 373 6.36 -5.76 0.90
CA LEU A 373 4.94 -5.97 0.77
C LEU A 373 4.30 -4.81 0.03
N GLY A 374 4.69 -3.59 0.35
CA GLY A 374 4.10 -2.43 -0.29
C GLY A 374 4.40 -2.41 -1.78
N GLU A 375 5.62 -2.82 -2.17
CA GLU A 375 6.00 -2.84 -3.59
C GLU A 375 5.22 -3.92 -4.34
N ILE A 376 5.03 -5.08 -3.72
CA ILE A 376 4.15 -6.10 -4.32
C ILE A 376 2.75 -5.54 -4.54
N ALA A 377 2.21 -4.88 -3.51
CA ALA A 377 0.85 -4.38 -3.61
C ALA A 377 0.70 -3.40 -4.75
N VAL A 378 1.63 -2.45 -4.89
CA VAL A 378 1.40 -1.42 -5.90
C VAL A 378 1.61 -2.03 -7.30
N ALA A 379 2.51 -3.01 -7.41
CA ALA A 379 2.65 -3.76 -8.69
C ALA A 379 1.33 -4.43 -9.08
N VAL A 380 0.62 -5.01 -8.12
CA VAL A 380 -0.68 -5.60 -8.43
C VAL A 380 -1.62 -4.50 -8.87
N GLY A 381 -1.57 -3.33 -8.20
CA GLY A 381 -2.46 -2.25 -8.59
C GLY A 381 -2.17 -1.75 -10.01
N LEU A 382 -0.91 -1.73 -10.38
CA LEU A 382 -0.53 -1.28 -11.72
C LEU A 382 -1.02 -2.27 -12.77
N ALA A 383 -0.83 -3.55 -12.50
CA ALA A 383 -1.36 -4.59 -13.36
C ALA A 383 -2.87 -4.51 -13.47
N GLN A 384 -3.57 -4.31 -12.36
CA GLN A 384 -5.02 -4.24 -12.40
C GLN A 384 -5.48 -3.07 -13.26
N ASN A 385 -4.80 -1.92 -13.14
CA ASN A 385 -5.09 -0.76 -13.97
C ASN A 385 -4.97 -1.11 -15.44
N LEU A 386 -3.87 -1.74 -15.83
CA LEU A 386 -3.73 -2.09 -17.25
C LEU A 386 -4.84 -3.04 -17.66
N GLY A 387 -5.16 -4.02 -16.81
CA GLY A 387 -6.20 -4.95 -17.14
C GLY A 387 -7.47 -4.25 -17.50
N ALA A 388 -7.84 -3.24 -16.71
CA ALA A 388 -9.05 -2.47 -17.01
C ALA A 388 -8.91 -1.68 -18.31
N LEU A 389 -7.79 -0.95 -18.48
CA LEU A 389 -7.66 -0.09 -19.64
C LEU A 389 -7.56 -0.91 -20.92
N ARG A 390 -6.82 -2.02 -20.87
CA ARG A 390 -6.66 -2.88 -22.03
C ARG A 390 -7.99 -3.44 -22.48
N ALA A 391 -8.78 -3.92 -21.52
CA ALA A 391 -10.10 -4.45 -21.84
C ALA A 391 -10.99 -3.39 -22.45
N LEU A 392 -11.02 -2.20 -21.87
CA LEU A 392 -11.83 -1.13 -22.44
C LEU A 392 -11.33 -0.77 -23.84
N ALA A 393 -10.05 -1.01 -24.10
CA ALA A 393 -9.48 -0.71 -25.43
C ALA A 393 -9.78 -1.73 -26.51
N THR A 394 -9.93 -2.97 -26.13
CA THR A 394 -10.18 -4.04 -27.06
C THR A 394 -11.65 -4.41 -27.07
N GLU A 395 -12.51 -3.54 -26.50
CA GLU A 395 -13.96 -3.70 -26.60
C GLU A 395 -14.44 -4.97 -25.89
#